data_7AYH
#
_entry.id   7AYH
#
_cell.length_a   83.362
_cell.length_b   83.362
_cell.length_c   168.208
_cell.angle_alpha   90.000
_cell.angle_beta   90.000
_cell.angle_gamma   120.000
#
_symmetry.space_group_name_H-M   'P 61 2 2'
#
loop_
_entity.id
_entity.type
_entity.pdbx_description
1 polymer 'Aurora kinase A'
2 non-polymer 7-[2-[(4-methoxyphenyl)amino]pyrimidin-4-yl]-1,3,4,5-tetrahydro-1-benzazepin-2-one
#
_entity_poly.entity_id   1
_entity_poly.type   'polypeptide(L)'
_entity_poly.pdbx_seq_one_letter_code
;GAMESKKRQWALEDFEIGRPLGKGKFGNVYLAREKQSKFILALKVLFKAQLEKAGVEHQLRREVEIQSHLRHPNILRLYG
YFHDATRVYLILEYAPLGTVYRELQKLSKFDEQRTATYITELANALSYCHSKRVIHRDIKPENLLLGSAGELKIADFGWS
VHAPSSRRTTLCGTLDYLPPEMIEGRMHDEKVDLWSLGVLCYEFLVGKPPFEANTYQETYKRISRVEFTFPDFVTEGARD
LISRLLKHNPSQRPMLREVLEHPWITANSSKPSNCQNKESASKQS
;
_entity_poly.pdbx_strand_id   A
#
loop_
_chem_comp.id
_chem_comp.type
_chem_comp.name
_chem_comp.formula
S9H non-polymer 7-[2-[(4-methoxyphenyl)amino]pyrimidin-4-yl]-1,3,4,5-tetrahydro-1-benzazepin-2-one 'C21 H20 N4 O2'
#
# COMPACT_ATOMS: atom_id res chain seq x y z
N LYS A 7 8.35 14.80 -20.36
CA LYS A 7 9.24 15.15 -19.22
C LYS A 7 9.55 16.65 -19.23
N ARG A 8 8.54 17.47 -18.92
CA ARG A 8 8.71 18.90 -18.68
C ARG A 8 9.08 19.10 -17.20
N GLN A 9 10.20 19.81 -16.95
CA GLN A 9 10.66 20.15 -15.60
C GLN A 9 9.76 21.24 -15.00
N TRP A 10 9.22 20.96 -13.80
CA TRP A 10 8.15 21.75 -13.19
C TRP A 10 8.72 22.73 -12.14
N ALA A 11 7.87 23.58 -11.60
CA ALA A 11 8.23 24.55 -10.57
C ALA A 11 7.00 24.87 -9.73
N LEU A 12 7.21 25.35 -8.50
CA LEU A 12 6.12 25.57 -7.57
C LEU A 12 5.12 26.60 -8.16
N GLU A 13 5.65 27.64 -8.82
CA GLU A 13 4.83 28.67 -9.48
C GLU A 13 3.89 28.09 -10.54
N ASP A 14 4.09 26.85 -10.97
CA ASP A 14 3.17 26.24 -11.91
C ASP A 14 1.95 25.60 -11.22
N PHE A 15 1.79 25.82 -9.93
CA PHE A 15 0.71 25.14 -9.16
C PHE A 15 0.04 26.09 -8.18
N GLU A 16 -1.29 25.95 -8.06
CA GLU A 16 -2.01 26.51 -6.95
C GLU A 16 -2.24 25.39 -5.95
N ILE A 17 -1.75 25.58 -4.74
CA ILE A 17 -1.88 24.63 -3.68
C ILE A 17 -3.20 24.85 -2.94
N GLY A 18 -3.74 23.75 -2.43
CA GLY A 18 -5.02 23.78 -1.74
C GLY A 18 -5.03 23.00 -0.44
N ARG A 19 -6.16 22.35 -0.18
CA ARG A 19 -6.44 21.65 1.04
C ARG A 19 -5.31 20.70 1.40
N PRO A 20 -4.88 20.67 2.68
CA PRO A 20 -4.00 19.60 3.13
C PRO A 20 -4.78 18.27 3.06
N LEU A 21 -4.19 17.27 2.41
CA LEU A 21 -4.78 15.92 2.34
C LEU A 21 -4.30 15.03 3.48
N GLY A 22 -3.03 15.18 3.85
CA GLY A 22 -2.44 14.46 4.93
C GLY A 22 -1.28 15.24 5.57
N LYS A 23 -1.38 15.45 6.89
CA LYS A 23 -0.33 16.02 7.72
C LYS A 23 0.34 14.90 8.51
N GLY A 24 1.62 14.64 8.20
CA GLY A 24 2.45 13.68 8.94
C GLY A 24 3.78 14.28 9.35
N LYS A 25 4.63 13.47 10.00
CA LYS A 25 5.97 13.88 10.43
C LYS A 25 6.87 14.12 9.19
N PHE A 26 6.55 13.44 8.09
CA PHE A 26 7.26 13.60 6.81
C PHE A 26 6.50 14.59 5.91
N GLY A 27 6.82 15.87 6.03
CA GLY A 27 6.09 16.94 5.23
C GLY A 27 4.58 16.76 5.21
N ASN A 28 3.98 17.05 4.06
CA ASN A 28 2.54 16.95 3.94
C ASN A 28 2.12 16.79 2.45
N VAL A 29 0.91 16.28 2.24
CA VAL A 29 0.39 16.07 0.90
C VAL A 29 -0.77 17.04 0.72
N TYR A 30 -0.77 17.79 -0.38
CA TYR A 30 -1.77 18.84 -0.55
C TYR A 30 -2.50 18.60 -1.87
N LEU A 31 -3.78 18.93 -1.91
CA LEU A 31 -4.45 19.09 -3.17
C LEU A 31 -3.76 20.24 -3.92
N ALA A 32 -3.58 20.08 -5.23
CA ALA A 32 -3.06 21.19 -6.00
C ALA A 32 -3.63 21.17 -7.41
N ARG A 33 -3.60 22.33 -8.06
CA ARG A 33 -4.09 22.46 -9.37
C ARG A 33 -3.03 23.12 -10.23
N GLU A 34 -2.76 22.47 -11.36
CA GLU A 34 -1.86 23.02 -12.29
C GLU A 34 -2.49 24.21 -12.97
N LYS A 35 -1.75 25.32 -13.02
CA LYS A 35 -2.30 26.60 -13.44
C LYS A 35 -2.73 26.60 -14.91
N GLN A 36 -1.86 26.11 -15.78
CA GLN A 36 -2.06 26.24 -17.21
C GLN A 36 -3.24 25.35 -17.65
N SER A 37 -3.22 24.12 -17.16
CA SER A 37 -4.18 23.05 -17.63
C SER A 37 -5.44 22.96 -16.75
N LYS A 38 -5.37 23.50 -15.54
CA LYS A 38 -6.42 23.34 -14.50
C LYS A 38 -6.48 21.91 -13.92
N PHE A 39 -5.46 21.08 -14.20
CA PHE A 39 -5.52 19.67 -13.85
C PHE A 39 -5.30 19.54 -12.36
N ILE A 40 -6.22 18.87 -11.67
CA ILE A 40 -6.17 18.63 -10.25
C ILE A 40 -5.26 17.43 -10.02
N LEU A 41 -4.40 17.56 -9.02
CA LEU A 41 -3.56 16.49 -8.59
C LEU A 41 -3.18 16.67 -7.12
N ALA A 42 -2.29 15.82 -6.63
CA ALA A 42 -1.79 15.92 -5.29
C ALA A 42 -0.27 16.14 -5.31
N LEU A 43 0.16 16.99 -4.38
CA LEU A 43 1.52 17.41 -4.29
C LEU A 43 2.08 16.98 -2.91
N LYS A 44 3.05 16.07 -2.91
CA LYS A 44 3.68 15.66 -1.66
C LYS A 44 4.94 16.51 -1.49
N VAL A 45 5.04 17.16 -0.33
CA VAL A 45 6.08 18.14 0.00
C VAL A 45 7.06 17.53 1.00
N LEU A 46 8.26 17.21 0.57
CA LEU A 46 9.27 16.65 1.45
C LEU A 46 10.37 17.67 1.72
N PHE A 47 10.97 17.55 2.91
CA PHE A 47 12.07 18.43 3.33
C PHE A 47 13.41 17.72 3.11
N LYS A 48 14.26 18.38 2.31
CA LYS A 48 15.46 17.78 1.76
C LYS A 48 16.46 17.43 2.89
N ALA A 49 16.48 18.25 3.96
CA ALA A 49 17.40 18.10 5.06
C ALA A 49 16.98 16.94 5.96
N GLN A 50 15.73 16.45 5.83
CA GLN A 50 15.19 15.37 6.61
C GLN A 50 15.30 14.03 5.84
N LEU A 51 15.69 14.11 4.56
CA LEU A 51 15.96 12.99 3.68
C LEU A 51 17.43 12.65 3.66
N GLU A 52 18.31 13.65 3.75
CA GLU A 52 19.74 13.46 3.99
C GLU A 52 19.96 12.76 5.34
N LYS A 53 19.32 13.31 6.40
CA LYS A 53 19.53 12.94 7.77
C LYS A 53 18.63 11.75 8.17
N ALA A 54 17.86 11.21 7.21
CA ALA A 54 17.32 9.85 7.32
C ALA A 54 17.94 8.94 6.24
N GLY A 55 18.90 9.45 5.45
CA GLY A 55 19.75 8.58 4.65
C GLY A 55 19.02 7.88 3.52
N VAL A 56 17.94 8.52 3.03
CA VAL A 56 17.03 7.83 2.11
C VAL A 56 16.98 8.49 0.72
N GLU A 57 17.90 9.42 0.45
CA GLU A 57 17.88 10.18 -0.78
C GLU A 57 18.03 9.25 -1.98
N HIS A 58 18.75 8.15 -1.79
CA HIS A 58 18.88 7.14 -2.82
C HIS A 58 17.54 6.42 -3.00
N GLN A 59 16.91 6.11 -1.85
CA GLN A 59 15.70 5.33 -1.79
C GLN A 59 14.56 6.08 -2.51
N LEU A 60 14.60 7.41 -2.41
CA LEU A 60 13.66 8.33 -3.02
C LEU A 60 13.87 8.35 -4.55
N ARG A 61 15.13 8.49 -4.96
CA ARG A 61 15.51 8.62 -6.35
C ARG A 61 15.11 7.37 -7.15
N ARG A 62 15.40 6.22 -6.57
CA ARG A 62 15.09 4.93 -7.20
C ARG A 62 13.59 4.67 -7.21
N GLU A 63 12.90 5.00 -6.12
CA GLU A 63 11.45 4.79 -6.03
C GLU A 63 10.76 5.66 -7.08
N VAL A 64 11.20 6.91 -7.18
CA VAL A 64 10.65 7.88 -8.14
C VAL A 64 10.86 7.40 -9.57
N GLU A 65 12.04 6.83 -9.84
CA GLU A 65 12.36 6.34 -11.16
C GLU A 65 11.42 5.18 -11.53
N ILE A 66 11.33 4.21 -10.64
CA ILE A 66 10.46 3.06 -10.84
C ILE A 66 8.99 3.49 -10.96
N GLN A 67 8.53 4.38 -10.06
CA GLN A 67 7.11 4.69 -9.96
C GLN A 67 6.63 5.53 -11.15
N SER A 68 7.59 6.22 -11.79
CA SER A 68 7.23 7.00 -12.99
C SER A 68 6.93 6.13 -14.23
N HIS A 69 7.54 4.92 -14.28
CA HIS A 69 7.37 4.00 -15.42
C HIS A 69 6.11 3.09 -15.31
N LEU A 70 5.61 2.92 -14.11
CA LEU A 70 4.58 1.96 -13.80
C LEU A 70 3.22 2.60 -14.11
N ARG A 71 2.38 1.89 -14.86
CA ARG A 71 1.08 2.35 -15.24
C ARG A 71 0.12 1.17 -15.14
N HIS A 72 -0.72 1.25 -14.10
CA HIS A 72 -1.77 0.30 -13.83
C HIS A 72 -2.93 1.07 -13.22
N PRO A 73 -4.18 0.68 -13.49
CA PRO A 73 -5.30 1.37 -12.90
C PRO A 73 -5.30 1.37 -11.36
N ASN A 74 -4.69 0.36 -10.75
CA ASN A 74 -4.66 0.25 -9.29
C ASN A 74 -3.27 0.61 -8.70
N ILE A 75 -2.50 1.38 -9.45
CA ILE A 75 -1.28 1.95 -8.95
C ILE A 75 -1.35 3.47 -9.15
N LEU A 76 -1.17 4.23 -8.06
CA LEU A 76 -1.27 5.67 -8.11
C LEU A 76 -0.10 6.20 -8.92
N ARG A 77 -0.41 7.04 -9.91
CA ARG A 77 0.55 7.57 -10.85
C ARG A 77 1.42 8.62 -10.17
N LEU A 78 2.74 8.58 -10.44
CA LEU A 78 3.62 9.64 -10.13
C LEU A 78 3.96 10.31 -11.45
N TYR A 79 3.55 11.57 -11.61
CA TYR A 79 3.71 12.27 -12.87
C TYR A 79 5.13 12.87 -12.94
N GLY A 80 5.69 13.25 -11.79
CA GLY A 80 7.00 13.85 -11.80
C GLY A 80 7.40 14.33 -10.43
N TYR A 81 8.41 15.18 -10.40
CA TYR A 81 9.00 15.69 -9.19
C TYR A 81 9.81 16.95 -9.53
N PHE A 82 10.03 17.78 -8.53
CA PHE A 82 10.98 18.86 -8.61
C PHE A 82 11.41 19.20 -7.20
N HIS A 83 12.42 20.07 -7.08
CA HIS A 83 12.88 20.55 -5.77
C HIS A 83 13.25 22.04 -5.86
N ASP A 84 13.21 22.71 -4.72
CA ASP A 84 13.82 24.03 -4.63
C ASP A 84 14.95 23.92 -3.61
N ALA A 85 15.32 25.06 -3.00
CA ALA A 85 16.34 25.13 -1.95
C ALA A 85 16.02 24.04 -0.91
N THR A 86 14.88 24.19 -0.24
CA THR A 86 14.58 23.44 1.02
C THR A 86 13.99 22.07 0.68
N ARG A 87 13.06 22.04 -0.30
CA ARG A 87 11.98 21.03 -0.38
C ARG A 87 11.99 20.30 -1.73
N VAL A 88 11.52 19.04 -1.65
CA VAL A 88 11.27 18.19 -2.78
C VAL A 88 9.75 18.01 -2.91
N TYR A 89 9.28 17.98 -4.16
CA TYR A 89 7.85 17.93 -4.50
C TYR A 89 7.60 16.71 -5.40
N LEU A 90 6.68 15.83 -4.98
CA LEU A 90 6.20 14.73 -5.82
C LEU A 90 4.83 15.10 -6.40
N ILE A 91 4.69 15.04 -7.74
CA ILE A 91 3.43 15.31 -8.45
C ILE A 91 2.72 13.98 -8.60
N LEU A 92 1.62 13.83 -7.88
CA LEU A 92 0.90 12.57 -7.78
C LEU A 92 -0.52 12.71 -8.32
N GLU A 93 -1.05 11.59 -8.81
CA GLU A 93 -2.47 11.41 -8.98
C GLU A 93 -3.15 11.83 -7.67
N TYR A 94 -4.32 12.43 -7.81
CA TYR A 94 -5.18 12.70 -6.68
C TYR A 94 -6.21 11.58 -6.58
N ALA A 95 -6.36 11.01 -5.40
CA ALA A 95 -7.34 9.94 -5.21
C ALA A 95 -8.52 10.48 -4.40
N PRO A 96 -9.61 10.93 -5.04
CA PRO A 96 -10.73 11.58 -4.35
C PRO A 96 -11.29 10.97 -3.07
N LEU A 97 -11.28 9.64 -2.92
CA LEU A 97 -11.97 9.07 -1.76
C LEU A 97 -11.00 8.70 -0.64
N GLY A 98 -9.74 9.12 -0.74
CA GLY A 98 -8.85 9.10 0.41
C GLY A 98 -8.24 7.72 0.69
N THR A 99 -7.82 7.47 1.94
CA THR A 99 -7.05 6.32 2.21
C THR A 99 -7.96 5.17 2.59
N VAL A 100 -7.49 3.96 2.37
CA VAL A 100 -8.19 2.80 2.89
C VAL A 100 -8.15 2.80 4.42
N TYR A 101 -7.03 3.26 4.99
CA TYR A 101 -6.89 3.51 6.44
C TYR A 101 -8.11 4.21 7.04
N ARG A 102 -8.47 5.36 6.45
CA ARG A 102 -9.59 6.18 6.92
C ARG A 102 -10.91 5.43 6.81
N GLU A 103 -11.14 4.74 5.69
CA GLU A 103 -12.37 3.97 5.52
C GLU A 103 -12.49 2.94 6.61
N LEU A 104 -11.37 2.29 6.89
CA LEU A 104 -11.34 1.25 7.86
C LEU A 104 -11.58 1.79 9.26
N GLN A 105 -11.04 2.98 9.53
CA GLN A 105 -11.36 3.69 10.77
C GLN A 105 -12.85 3.99 10.83
N LYS A 106 -13.45 4.47 9.73
CA LYS A 106 -14.86 4.83 9.70
C LYS A 106 -15.73 3.58 9.97
N LEU A 107 -15.47 2.54 9.20
CA LEU A 107 -16.36 1.36 9.17
C LEU A 107 -15.95 0.33 10.21
N SER A 108 -14.78 0.54 10.81
CA SER A 108 -14.23 -0.37 11.83
C SER A 108 -13.75 -1.67 11.19
N LYS A 109 -14.61 -2.27 10.38
CA LYS A 109 -14.21 -3.41 9.53
C LYS A 109 -15.03 -3.46 8.23
N PHE A 110 -14.53 -4.23 7.26
CA PHE A 110 -15.13 -4.30 5.96
C PHE A 110 -15.87 -5.62 5.82
N ASP A 111 -16.97 -5.60 5.07
CA ASP A 111 -17.65 -6.85 4.68
C ASP A 111 -16.82 -7.68 3.67
N GLU A 112 -17.31 -8.87 3.37
CA GLU A 112 -16.59 -9.86 2.57
C GLU A 112 -16.42 -9.40 1.12
N GLN A 113 -17.42 -8.68 0.63
CA GLN A 113 -17.46 -8.23 -0.72
C GLN A 113 -16.42 -7.14 -0.95
N ARG A 114 -16.43 -6.15 -0.08
CA ARG A 114 -15.50 -5.03 -0.18
C ARG A 114 -14.06 -5.53 0.01
N THR A 115 -13.86 -6.40 0.98
CA THR A 115 -12.55 -7.00 1.24
C THR A 115 -12.07 -7.78 0.03
N ALA A 116 -12.93 -8.67 -0.48
CA ALA A 116 -12.53 -9.53 -1.61
C ALA A 116 -12.20 -8.70 -2.86
N THR A 117 -12.97 -7.62 -3.04
CA THR A 117 -12.74 -6.69 -4.14
C THR A 117 -11.37 -6.02 -3.99
N TYR A 118 -11.13 -5.44 -2.81
CA TYR A 118 -9.84 -4.81 -2.52
C TYR A 118 -8.69 -5.76 -2.76
N ILE A 119 -8.85 -7.00 -2.30
CA ILE A 119 -7.77 -8.02 -2.44
C ILE A 119 -7.57 -8.34 -3.92
N THR A 120 -8.65 -8.34 -4.71
CA THR A 120 -8.49 -8.58 -6.16
C THR A 120 -7.62 -7.44 -6.73
N GLU A 121 -8.06 -6.21 -6.43
CA GLU A 121 -7.43 -5.05 -6.99
C GLU A 121 -5.95 -5.02 -6.60
N LEU A 122 -5.66 -5.38 -5.37
CA LEU A 122 -4.27 -5.41 -4.85
C LEU A 122 -3.46 -6.42 -5.64
N ALA A 123 -3.98 -7.65 -5.67
CA ALA A 123 -3.33 -8.73 -6.29
C ALA A 123 -3.02 -8.41 -7.75
N ASN A 124 -3.99 -7.82 -8.47
CA ASN A 124 -3.78 -7.39 -9.84
C ASN A 124 -2.61 -6.43 -9.95
N ALA A 125 -2.58 -5.39 -9.09
CA ALA A 125 -1.61 -4.36 -9.11
C ALA A 125 -0.24 -4.89 -8.69
N LEU A 126 -0.27 -5.97 -7.91
CA LEU A 126 0.96 -6.62 -7.46
C LEU A 126 1.55 -7.54 -8.57
N SER A 127 0.65 -8.31 -9.20
CA SER A 127 0.98 -9.20 -10.27
C SER A 127 1.72 -8.38 -11.30
N TYR A 128 1.11 -7.26 -11.67
CA TYR A 128 1.73 -6.32 -12.64
C TYR A 128 3.09 -5.85 -12.15
N CYS A 129 3.17 -5.43 -10.87
CA CYS A 129 4.43 -5.01 -10.20
C CYS A 129 5.55 -6.04 -10.33
N HIS A 130 5.18 -7.29 -9.99
CA HIS A 130 6.13 -8.41 -9.97
C HIS A 130 6.71 -8.67 -11.35
N SER A 131 5.86 -8.58 -12.38
CA SER A 131 6.29 -8.78 -13.76
C SER A 131 7.04 -7.57 -14.29
N LYS A 132 7.35 -6.58 -13.42
CA LYS A 132 8.41 -5.60 -13.73
C LYS A 132 9.52 -5.66 -12.69
N ARG A 133 9.67 -6.82 -12.05
CA ARG A 133 10.64 -7.02 -10.93
C ARG A 133 10.52 -5.86 -9.93
N VAL A 134 9.31 -5.57 -9.47
CA VAL A 134 9.18 -4.65 -8.33
C VAL A 134 8.48 -5.38 -7.18
N ILE A 135 9.18 -5.50 -6.05
CA ILE A 135 8.65 -5.94 -4.80
C ILE A 135 8.35 -4.70 -3.97
N HIS A 136 7.66 -4.88 -2.84
CA HIS A 136 7.23 -3.79 -2.04
C HIS A 136 7.45 -4.18 -0.59
N ARG A 137 7.37 -3.19 0.32
CA ARG A 137 7.44 -3.43 1.77
C ARG A 137 6.15 -2.93 2.45
N ASP A 138 5.76 -1.67 2.19
CA ASP A 138 4.70 -1.00 2.95
C ASP A 138 3.38 -1.10 2.18
N ILE A 139 2.87 -2.31 1.99
CA ILE A 139 1.52 -2.49 1.47
C ILE A 139 0.56 -2.42 2.64
N LYS A 140 0.22 -1.23 3.10
CA LYS A 140 -0.55 -1.05 4.27
C LYS A 140 -1.57 0.03 4.03
N PRO A 141 -2.62 0.06 4.85
CA PRO A 141 -3.78 0.89 4.58
C PRO A 141 -3.45 2.39 4.33
N GLU A 142 -2.46 2.91 5.06
CA GLU A 142 -2.06 4.32 4.93
C GLU A 142 -1.53 4.59 3.52
N ASN A 143 -1.12 3.51 2.86
CA ASN A 143 -0.43 3.55 1.57
C ASN A 143 -1.35 3.14 0.40
N LEU A 144 -2.59 2.76 0.71
CA LEU A 144 -3.62 2.41 -0.27
C LEU A 144 -4.62 3.55 -0.30
N LEU A 145 -4.86 4.06 -1.51
CA LEU A 145 -5.84 5.10 -1.75
C LEU A 145 -7.02 4.63 -2.61
N LEU A 146 -8.02 5.48 -2.72
CA LEU A 146 -9.28 5.15 -3.39
C LEU A 146 -9.60 6.20 -4.42
N GLY A 147 -9.73 5.74 -5.67
CA GLY A 147 -10.07 6.62 -6.78
C GLY A 147 -11.54 6.98 -6.78
N SER A 148 -11.95 7.78 -7.77
CA SER A 148 -13.30 8.34 -7.85
C SER A 148 -14.37 7.26 -7.90
N ALA A 149 -13.99 6.14 -8.51
CA ALA A 149 -14.88 4.98 -8.66
C ALA A 149 -14.77 4.08 -7.43
N GLY A 150 -13.96 4.50 -6.45
CA GLY A 150 -13.73 3.69 -5.21
C GLY A 150 -12.77 2.53 -5.42
N GLU A 151 -12.08 2.52 -6.56
CA GLU A 151 -11.03 1.55 -6.84
C GLU A 151 -9.76 1.86 -6.03
N LEU A 152 -9.17 0.76 -5.55
CA LEU A 152 -7.92 0.74 -4.77
C LEU A 152 -6.73 1.15 -5.65
N LYS A 153 -5.90 2.02 -5.09
CA LYS A 153 -4.68 2.46 -5.74
C LYS A 153 -3.52 2.36 -4.75
N ILE A 154 -2.47 1.61 -5.12
CA ILE A 154 -1.27 1.48 -4.32
C ILE A 154 -0.40 2.72 -4.50
N ALA A 155 -0.24 3.42 -3.39
CA ALA A 155 0.77 4.41 -3.07
C ALA A 155 1.90 3.72 -2.30
N ASP A 156 3.14 4.16 -2.56
CA ASP A 156 4.36 3.55 -2.06
C ASP A 156 5.44 4.63 -1.91
N PHE A 157 6.41 4.37 -1.03
CA PHE A 157 7.48 5.34 -0.66
C PHE A 157 8.83 4.61 -0.66
N THR A 174 5.09 -1.14 12.85
CA THR A 174 5.91 -1.04 11.65
C THR A 174 6.21 -2.45 11.11
N LEU A 175 6.51 -3.37 12.03
CA LEU A 175 6.60 -4.81 11.70
C LEU A 175 5.27 -5.35 11.11
N ASP A 176 4.14 -4.78 11.55
CA ASP A 176 2.82 -5.46 11.50
C ASP A 176 2.58 -6.15 10.15
N TYR A 177 3.18 -5.61 9.08
CA TYR A 177 2.92 -6.09 7.71
C TYR A 177 4.09 -6.84 7.11
N LEU A 178 5.14 -7.08 7.89
CA LEU A 178 6.40 -7.65 7.36
C LEU A 178 6.42 -9.16 7.59
N PRO A 179 6.89 -9.96 6.59
CA PRO A 179 6.90 -11.40 6.71
C PRO A 179 8.09 -11.85 7.53
N PRO A 180 8.07 -13.09 8.03
CA PRO A 180 9.11 -13.62 8.92
C PRO A 180 10.52 -13.49 8.37
N GLU A 181 10.66 -13.87 7.10
CA GLU A 181 11.99 -13.88 6.46
C GLU A 181 12.61 -12.47 6.53
N MET A 182 11.75 -11.45 6.39
CA MET A 182 12.25 -10.07 6.37
C MET A 182 12.69 -9.61 7.77
N ILE A 183 11.85 -9.79 8.78
CA ILE A 183 12.21 -9.36 10.15
C ILE A 183 13.41 -10.18 10.63
N GLU A 184 13.42 -11.47 10.29
CA GLU A 184 14.53 -12.33 10.79
C GLU A 184 15.86 -11.92 10.15
N GLY A 185 15.78 -11.24 9.00
CA GLY A 185 16.96 -10.80 8.24
C GLY A 185 17.39 -11.81 7.18
N ARG A 186 16.54 -12.83 6.96
CA ARG A 186 16.75 -13.86 5.96
C ARG A 186 16.63 -13.24 4.56
N MET A 187 16.82 -14.07 3.53
CA MET A 187 16.65 -13.69 2.13
C MET A 187 15.16 -13.69 1.80
N HIS A 188 14.74 -12.79 0.91
CA HIS A 188 13.35 -12.59 0.58
C HIS A 188 13.20 -12.36 -0.93
N ASP A 189 12.01 -12.73 -1.43
CA ASP A 189 11.67 -12.66 -2.85
C ASP A 189 10.32 -11.95 -3.00
N GLU A 190 9.70 -12.11 -4.16
CA GLU A 190 8.40 -11.54 -4.46
C GLU A 190 7.34 -12.11 -3.52
N LYS A 191 7.69 -13.11 -2.73
CA LYS A 191 6.69 -13.75 -1.86
C LYS A 191 6.35 -12.91 -0.63
N VAL A 192 7.17 -11.90 -0.34
CA VAL A 192 6.86 -11.01 0.77
C VAL A 192 5.46 -10.42 0.55
N ASP A 193 5.19 -10.05 -0.71
CA ASP A 193 3.97 -9.32 -1.01
C ASP A 193 2.75 -10.25 -0.83
N LEU A 194 2.93 -11.55 -0.93
CA LEU A 194 1.83 -12.48 -0.64
C LEU A 194 1.48 -12.48 0.84
N TRP A 195 2.50 -12.51 1.70
CA TRP A 195 2.30 -12.37 3.13
C TRP A 195 1.51 -11.07 3.45
N SER A 196 1.89 -9.96 2.82
CA SER A 196 1.22 -8.66 2.99
C SER A 196 -0.28 -8.74 2.67
N LEU A 197 -0.62 -9.42 1.59
CA LEU A 197 -2.01 -9.59 1.25
C LEU A 197 -2.76 -10.32 2.35
N GLY A 198 -2.13 -11.32 2.95
CA GLY A 198 -2.79 -12.06 4.00
C GLY A 198 -3.01 -11.20 5.21
N VAL A 199 -2.01 -10.38 5.53
CA VAL A 199 -2.10 -9.50 6.67
C VAL A 199 -3.26 -8.50 6.45
N LEU A 200 -3.28 -7.90 5.26
CA LEU A 200 -4.29 -6.95 4.86
C LEU A 200 -5.68 -7.56 4.75
N CYS A 201 -5.79 -8.73 4.12
CA CYS A 201 -7.03 -9.43 4.08
C CYS A 201 -7.62 -9.62 5.50
N TYR A 202 -6.78 -10.06 6.44
CA TYR A 202 -7.17 -10.19 7.84
C TYR A 202 -7.60 -8.86 8.45
N GLU A 203 -6.79 -7.83 8.33
CA GLU A 203 -7.10 -6.53 8.89
C GLU A 203 -8.39 -5.95 8.29
N PHE A 204 -8.60 -6.15 7.00
CA PHE A 204 -9.79 -5.66 6.36
C PHE A 204 -11.03 -6.30 7.01
N LEU A 205 -10.98 -7.60 7.30
CA LEU A 205 -12.16 -8.30 7.81
C LEU A 205 -12.34 -8.10 9.31
N VAL A 206 -11.22 -8.05 10.03
CA VAL A 206 -11.23 -8.04 11.49
C VAL A 206 -11.12 -6.62 12.08
N GLY A 207 -10.42 -5.75 11.39
CA GLY A 207 -10.27 -4.37 11.78
C GLY A 207 -8.98 -4.10 12.54
N LYS A 208 -8.18 -5.14 12.74
CA LYS A 208 -6.81 -5.01 13.24
C LYS A 208 -5.97 -6.10 12.62
N PRO A 209 -4.65 -5.89 12.45
CA PRO A 209 -3.84 -6.88 11.76
C PRO A 209 -3.56 -8.05 12.69
N PRO A 210 -3.25 -9.23 12.13
CA PRO A 210 -3.28 -10.47 12.88
C PRO A 210 -2.13 -10.66 13.88
N PHE A 211 -1.05 -9.87 13.77
CA PHE A 211 0.07 -10.02 14.67
C PHE A 211 0.23 -8.82 15.57
N GLU A 212 -0.83 -8.02 15.64
CA GLU A 212 -0.78 -6.83 16.45
C GLU A 212 -0.44 -7.14 17.92
N ALA A 213 0.23 -6.16 18.55
CA ALA A 213 0.64 -6.21 19.96
C ALA A 213 0.73 -4.79 20.54
N ASN A 214 1.21 -4.69 21.78
CA ASN A 214 1.43 -3.40 22.41
C ASN A 214 2.91 -2.96 22.30
N THR A 215 3.81 -3.92 21.96
CA THR A 215 5.25 -3.63 21.76
C THR A 215 5.74 -4.28 20.47
N TYR A 216 6.88 -3.78 20.01
CA TYR A 216 7.59 -4.24 18.84
C TYR A 216 8.10 -5.66 19.08
N GLN A 217 8.64 -5.88 20.26
CA GLN A 217 9.32 -7.12 20.58
C GLN A 217 8.31 -8.26 20.54
N GLU A 218 7.13 -8.02 21.09
CA GLU A 218 6.12 -9.03 21.11
C GLU A 218 5.56 -9.31 19.70
N THR A 219 5.27 -8.24 18.96
CA THR A 219 4.83 -8.38 17.57
C THR A 219 5.84 -9.23 16.80
N TYR A 220 7.11 -8.97 17.03
CA TYR A 220 8.17 -9.73 16.35
C TYR A 220 8.00 -11.24 16.59
N LYS A 221 7.71 -11.58 17.84
CA LYS A 221 7.51 -12.96 18.25
C LYS A 221 6.27 -13.56 17.54
N ARG A 222 5.17 -12.80 17.55
CA ARG A 222 3.92 -13.24 16.93
C ARG A 222 4.10 -13.53 15.43
N ILE A 223 4.82 -12.68 14.72
CA ILE A 223 5.11 -12.85 13.30
C ILE A 223 6.02 -14.06 13.11
N SER A 224 7.11 -14.10 13.87
CA SER A 224 8.14 -15.10 13.72
C SER A 224 7.64 -16.52 13.98
N ARG A 225 6.66 -16.65 14.90
CA ARG A 225 6.04 -17.93 15.25
C ARG A 225 4.66 -18.09 14.59
N VAL A 226 4.24 -17.05 13.87
CA VAL A 226 3.06 -17.09 13.03
C VAL A 226 1.85 -17.48 13.87
N GLU A 227 1.61 -16.70 14.94
CA GLU A 227 0.57 -16.91 15.87
C GLU A 227 -0.55 -15.92 15.59
N PHE A 228 -1.60 -16.40 14.94
CA PHE A 228 -2.80 -15.62 14.71
C PHE A 228 -4.04 -16.48 14.97
N THR A 229 -5.12 -15.83 15.37
CA THR A 229 -6.38 -16.53 15.51
C THR A 229 -7.50 -15.69 14.90
N PHE A 230 -8.62 -16.37 14.60
CA PHE A 230 -9.77 -15.79 13.92
C PHE A 230 -10.95 -15.58 14.87
N PRO A 231 -11.56 -14.38 14.87
CA PRO A 231 -12.83 -14.20 15.54
C PRO A 231 -13.88 -15.12 14.89
N ASP A 232 -14.97 -15.40 15.60
CA ASP A 232 -16.01 -16.31 15.10
C ASP A 232 -16.58 -15.87 13.77
N PHE A 233 -16.72 -14.56 13.57
CA PHE A 233 -17.44 -14.05 12.42
C PHE A 233 -16.64 -14.18 11.11
N VAL A 234 -15.36 -14.56 11.18
CA VAL A 234 -14.58 -14.72 9.98
C VAL A 234 -14.92 -16.08 9.40
N THR A 235 -15.33 -16.07 8.14
CA THR A 235 -15.88 -17.23 7.49
C THR A 235 -14.79 -18.20 7.03
N GLU A 236 -15.24 -19.43 6.76
CA GLU A 236 -14.36 -20.56 6.49
C GLU A 236 -13.48 -20.30 5.25
N GLY A 237 -14.08 -19.73 4.20
CA GLY A 237 -13.34 -19.41 2.97
C GLY A 237 -12.25 -18.37 3.19
N ALA A 238 -12.58 -17.35 3.98
CA ALA A 238 -11.61 -16.28 4.32
C ALA A 238 -10.47 -16.86 5.17
N ARG A 239 -10.82 -17.68 6.14
CA ARG A 239 -9.80 -18.31 7.02
C ARG A 239 -8.84 -19.14 6.16
N ASP A 240 -9.40 -19.85 5.21
CA ASP A 240 -8.61 -20.69 4.33
C ASP A 240 -7.62 -19.85 3.51
N LEU A 241 -8.11 -18.81 2.85
CA LEU A 241 -7.25 -17.95 2.04
C LEU A 241 -6.14 -17.28 2.90
N ILE A 242 -6.51 -16.71 4.05
CA ILE A 242 -5.55 -16.04 4.95
C ILE A 242 -4.49 -17.03 5.43
N SER A 243 -4.94 -18.21 5.84
CA SER A 243 -4.07 -19.27 6.32
C SER A 243 -3.10 -19.71 5.25
N ARG A 244 -3.56 -19.81 4.02
CA ARG A 244 -2.71 -20.12 2.91
C ARG A 244 -1.69 -19.01 2.65
N LEU A 245 -2.07 -17.76 2.85
CA LEU A 245 -1.14 -16.62 2.55
C LEU A 245 -0.09 -16.43 3.62
N LEU A 246 -0.50 -16.58 4.88
CA LEU A 246 0.38 -16.53 6.04
C LEU A 246 1.02 -17.90 6.37
N LYS A 247 1.88 -18.40 5.48
CA LYS A 247 2.77 -19.50 5.79
C LYS A 247 4.17 -18.92 6.07
N HIS A 248 4.85 -19.56 7.03
CA HIS A 248 6.26 -19.20 7.32
C HIS A 248 7.15 -19.40 6.08
N ASN A 249 6.97 -20.54 5.39
CA ASN A 249 7.75 -20.88 4.27
C ASN A 249 7.20 -20.13 3.08
N PRO A 250 7.96 -19.16 2.55
CA PRO A 250 7.56 -18.46 1.33
C PRO A 250 7.07 -19.35 0.16
N SER A 251 7.78 -20.46 -0.07
CA SER A 251 7.48 -21.37 -1.20
C SER A 251 6.07 -21.96 -1.12
N GLN A 252 5.50 -21.99 0.10
CA GLN A 252 4.19 -22.57 0.37
C GLN A 252 3.05 -21.53 0.24
N ARG A 253 3.39 -20.27 0.02
CA ARG A 253 2.37 -19.24 -0.20
C ARG A 253 1.95 -19.33 -1.65
N PRO A 254 0.66 -19.11 -1.98
CA PRO A 254 0.20 -19.32 -3.33
C PRO A 254 0.77 -18.25 -4.29
N MET A 255 0.61 -18.51 -5.60
CA MET A 255 0.86 -17.51 -6.63
C MET A 255 -0.29 -16.49 -6.58
N LEU A 256 -0.09 -15.34 -7.18
CA LEU A 256 -1.13 -14.31 -7.20
C LEU A 256 -2.36 -14.81 -7.98
N ARG A 257 -2.13 -15.58 -9.05
CA ARG A 257 -3.19 -16.12 -9.88
C ARG A 257 -4.12 -17.02 -9.05
N GLU A 258 -3.55 -17.82 -8.16
CA GLU A 258 -4.31 -18.66 -7.25
C GLU A 258 -5.16 -17.83 -6.30
N VAL A 259 -4.66 -16.65 -5.92
CA VAL A 259 -5.40 -15.76 -5.04
C VAL A 259 -6.64 -15.28 -5.79
N LEU A 260 -6.43 -14.79 -7.00
CA LEU A 260 -7.49 -14.26 -7.84
C LEU A 260 -8.51 -15.36 -8.18
N GLU A 261 -8.09 -16.62 -8.14
CA GLU A 261 -8.98 -17.72 -8.43
C GLU A 261 -9.41 -18.51 -7.18
N HIS A 262 -9.17 -17.97 -5.98
CA HIS A 262 -9.70 -18.58 -4.78
C HIS A 262 -11.22 -18.50 -4.78
N PRO A 263 -11.95 -19.58 -4.41
CA PRO A 263 -13.42 -19.59 -4.41
C PRO A 263 -14.08 -18.45 -3.60
N TRP A 264 -13.46 -18.11 -2.47
CA TRP A 264 -13.99 -17.08 -1.59
C TRP A 264 -13.86 -15.71 -2.28
N ILE A 265 -12.73 -15.54 -2.96
CA ILE A 265 -12.47 -14.33 -3.74
C ILE A 265 -13.48 -14.22 -4.89
N THR A 266 -13.66 -15.30 -5.65
CA THR A 266 -14.52 -15.23 -6.84
C THR A 266 -16.00 -15.14 -6.43
N ALA A 267 -16.39 -15.77 -5.34
CA ALA A 267 -17.76 -15.67 -4.84
C ALA A 267 -18.09 -14.24 -4.42
N ASN A 268 -17.10 -13.54 -3.83
CA ASN A 268 -17.38 -12.30 -3.09
C ASN A 268 -16.90 -11.03 -3.81
N SER A 269 -15.84 -11.11 -4.59
CA SER A 269 -15.33 -9.97 -5.27
C SER A 269 -16.44 -9.39 -6.15
N SER A 270 -16.18 -8.19 -6.65
CA SER A 270 -17.06 -7.48 -7.62
C SER A 270 -16.32 -7.26 -8.94
N LYS A 271 -15.07 -6.79 -8.83
CA LYS A 271 -14.11 -6.74 -9.94
C LYS A 271 -13.70 -8.16 -10.31
N PRO A 272 -13.44 -8.45 -11.62
CA PRO A 272 -12.86 -9.74 -12.02
C PRO A 272 -11.32 -9.78 -11.86
C7 S9H B . -4.83 11.60 -1.67
C9 S9H B . -2.20 11.16 -1.91
N1 S9H B . -4.34 11.52 -2.92
C2 S9H B . -7.30 12.32 1.93
N2 S9H B . -0.14 9.49 4.09
C10 S9H B . -2.80 11.19 -0.66
C4 S9H B . -7.00 12.14 -0.45
N3 S9H B . -4.13 11.42 -0.53
C6 S9H B . -9.18 12.59 0.46
O1 S9H B . -0.04 8.22 5.93
C19 S9H B . -0.71 8.73 5.04
C14 S9H B . -0.78 10.03 2.94
C13 S9H B . -0.13 9.90 1.71
C12 S9H B . -0.78 10.31 0.55
C18 S9H B . -2.20 8.53 4.97
C17 S9H B . -3.01 9.79 5.27
C16 S9H B . -2.66 10.97 4.35
C15 S9H B . -2.04 10.61 3.02
C20 S9H B . -2.68 10.98 1.84
C11 S9H B . -2.07 10.84 0.58
C8 S9H B . -3.02 11.33 -3.01
N S9H B . -6.16 11.91 -1.57
C3 S9H B . -6.48 12.10 0.84
C5 S9H B . -8.36 12.39 -0.63
C1 S9H B . -8.65 12.55 1.75
O S9H B . -9.55 12.78 2.75
C S9H B . -9.08 12.80 4.11
#